data_4P6R
#
_entry.id   4P6R
#
_cell.length_a   49.800
_cell.length_b   78.680
_cell.length_c   85.820
_cell.angle_alpha   90.000
_cell.angle_beta   102.630
_cell.angle_gamma   90.000
#
_symmetry.space_group_name_H-M   'P 1 21 1'
#
loop_
_entity.id
_entity.type
_entity.pdbx_description
1 polymer Tyrosinase
2 non-polymer 'ZINC ION'
3 non-polymer TYROSINE
4 water water
#
_entity_poly.entity_id   1
_entity_poly.type   'polypeptide(L)'
_entity_poly.pdbx_seq_one_letter_code
;KYRVRKNVLHLTDTEKRDFVRTVLILKEKGIYDRYIAWHGAAGKFHTPPGSDRNAAHMSSAFLPWHREYLLRFERDLQSI
NPEVTLPYWEWETDAQMQDPSQSQIWSADFMGGNGNPIKDFIVDTGPFAAGRWTTIDEQGNPSGGLKRNFGATKEAPTLP
TRDDVLNALKITQYDTPPWDMTSQNSFRNQLEGFINGPQLHNRVHRWVGGQMGVVPTAPNDPVFFLHHANVDRIWAVWQI
IHRNQNYQPMKNGPFGQNFRDPMYPWNTTPEDVMNHRKLGYVYDIEL
;
_entity_poly.pdbx_strand_id   A,B
#
loop_
_chem_comp.id
_chem_comp.type
_chem_comp.name
_chem_comp.formula
ZN non-polymer 'ZINC ION' 'Zn 2'
#
# COMPACT_ATOMS: atom_id res chain seq x y z
N LYS A 1 -16.13 -4.91 -23.57
CA LYS A 1 -17.35 -4.34 -24.13
C LYS A 1 -18.61 -4.78 -23.36
N TYR A 2 -18.57 -5.95 -22.74
CA TYR A 2 -19.79 -6.59 -22.22
C TYR A 2 -20.20 -6.31 -20.78
N ARG A 3 -19.68 -5.25 -20.17
CA ARG A 3 -20.29 -4.71 -18.95
C ARG A 3 -20.41 -3.20 -19.15
N VAL A 4 -21.58 -2.65 -18.86
CA VAL A 4 -21.84 -1.24 -19.16
C VAL A 4 -21.90 -0.38 -17.89
N ARG A 5 -21.22 0.76 -17.95
CA ARG A 5 -21.24 1.70 -16.86
C ARG A 5 -22.18 2.85 -17.22
N LYS A 6 -23.23 3.03 -16.41
CA LYS A 6 -24.29 4.00 -16.73
C LYS A 6 -24.17 5.30 -15.96
N ASN A 7 -24.60 6.37 -16.60
CA ASN A 7 -24.86 7.64 -15.94
C ASN A 7 -25.73 7.36 -14.71
N VAL A 8 -25.35 7.91 -13.56
CA VAL A 8 -26.16 7.78 -12.35
C VAL A 8 -27.62 8.19 -12.62
N LEU A 9 -27.81 9.23 -13.41
CA LEU A 9 -29.14 9.76 -13.68
C LEU A 9 -30.01 8.82 -14.52
N HIS A 10 -29.41 7.77 -15.06
CA HIS A 10 -30.14 6.81 -15.89
C HIS A 10 -30.46 5.53 -15.14
N LEU A 11 -30.09 5.47 -13.87
CA LEU A 11 -30.24 4.26 -13.08
C LEU A 11 -31.69 4.09 -12.63
N THR A 12 -32.16 2.86 -12.59
CA THR A 12 -33.47 2.57 -12.03
C THR A 12 -33.38 2.56 -10.50
N ASP A 13 -34.51 2.71 -9.83
CA ASP A 13 -34.52 2.73 -8.37
C ASP A 13 -33.98 1.43 -7.78
N THR A 14 -34.20 0.33 -8.49
CA THR A 14 -33.70 -0.95 -8.02
C THR A 14 -32.21 -1.08 -8.32
N GLU A 15 -31.75 -0.44 -9.39
CA GLU A 15 -30.32 -0.34 -9.68
C GLU A 15 -29.61 0.53 -8.64
N LYS A 16 -30.22 1.65 -8.26
CA LYS A 16 -29.66 2.51 -7.22
C LYS A 16 -29.55 1.73 -5.92
N ARG A 17 -30.60 0.97 -5.60
CA ARG A 17 -30.65 0.19 -4.38
C ARG A 17 -29.56 -0.86 -4.30
N ASP A 18 -29.40 -1.62 -5.37
CA ASP A 18 -28.44 -2.73 -5.41
C ASP A 18 -26.99 -2.24 -5.35
N PHE A 19 -26.71 -1.10 -6.00
CA PHE A 19 -25.40 -0.51 -5.90
C PHE A 19 -25.08 -0.11 -4.46
N VAL A 20 -25.97 0.69 -3.87
CA VAL A 20 -25.81 1.12 -2.49
C VAL A 20 -25.66 -0.08 -1.54
N ARG A 21 -26.54 -1.07 -1.72
CA ARG A 21 -26.51 -2.30 -0.91
C ARG A 21 -25.15 -2.96 -0.97
N THR A 22 -24.64 -3.16 -2.18
CA THR A 22 -23.39 -3.86 -2.40
C THR A 22 -22.21 -3.16 -1.73
N VAL A 23 -22.11 -1.84 -1.90
CA VAL A 23 -21.07 -1.06 -1.24
C VAL A 23 -21.10 -1.26 0.28
N LEU A 24 -22.29 -1.25 0.85
CA LEU A 24 -22.44 -1.42 2.30
C LEU A 24 -21.85 -2.75 2.77
N ILE A 25 -22.03 -3.79 1.95
CA ILE A 25 -21.52 -5.11 2.25
C ILE A 25 -20.00 -5.16 2.13
N LEU A 26 -19.46 -4.58 1.07
CA LEU A 26 -18.00 -4.41 0.94
C LEU A 26 -17.41 -3.72 2.17
N LYS A 27 -18.10 -2.68 2.62
CA LYS A 27 -17.71 -1.94 3.82
C LYS A 27 -17.68 -2.82 5.05
N GLU A 28 -18.77 -3.57 5.23
CA GLU A 28 -18.98 -4.41 6.40
C GLU A 28 -17.95 -5.54 6.47
N LYS A 29 -17.58 -6.06 5.30
CA LYS A 29 -16.66 -7.20 5.23
C LYS A 29 -15.24 -6.78 5.58
N GLY A 30 -14.90 -5.52 5.31
CA GLY A 30 -13.55 -5.05 5.54
C GLY A 30 -12.84 -4.77 4.23
N ILE A 31 -13.55 -5.00 3.14
CA ILE A 31 -12.99 -4.82 1.81
C ILE A 31 -12.83 -3.35 1.43
N TYR A 32 -13.85 -2.56 1.74
CA TYR A 32 -13.89 -1.15 1.35
C TYR A 32 -12.70 -0.36 1.89
N ASP A 33 -12.36 -0.58 3.14
CA ASP A 33 -11.23 0.11 3.77
C ASP A 33 -9.88 -0.15 3.09
N ARG A 34 -9.68 -1.32 2.50
CA ARG A 34 -8.50 -1.57 1.66
C ARG A 34 -8.31 -0.51 0.57
N TYR A 35 -9.43 -0.02 0.00
CA TYR A 35 -9.37 1.01 -1.04
C TYR A 35 -9.03 2.41 -0.50
N ILE A 36 -9.60 2.76 0.65
CA ILE A 36 -9.19 4.00 1.32
C ILE A 36 -7.67 3.99 1.56
N ALA A 37 -7.19 2.92 2.15
CA ALA A 37 -5.76 2.77 2.46
C ALA A 37 -4.86 2.79 1.22
N TRP A 38 -5.21 1.98 0.23
CA TRP A 38 -4.48 1.96 -1.04
C TRP A 38 -4.25 3.37 -1.58
N HIS A 39 -5.32 4.18 -1.58
CA HIS A 39 -5.25 5.52 -2.16
C HIS A 39 -4.41 6.47 -1.34
N GLY A 40 -4.59 6.43 -0.01
CA GLY A 40 -3.75 7.18 0.90
C GLY A 40 -2.28 6.78 0.80
N ALA A 41 -2.01 5.47 0.76
CA ALA A 41 -0.65 4.95 0.63
C ALA A 41 0.03 5.42 -0.66
N ALA A 42 -0.71 5.39 -1.78
CA ALA A 42 -0.12 5.82 -3.03
C ALA A 42 0.15 7.32 -2.99
N GLY A 43 -0.70 8.06 -2.27
CA GLY A 43 -0.55 9.50 -2.18
C GLY A 43 0.74 9.92 -1.51
N LYS A 44 1.21 9.09 -0.57
CA LYS A 44 2.46 9.29 0.14
C LYS A 44 3.65 8.68 -0.58
N PHE A 45 3.44 8.13 -1.77
CA PHE A 45 4.53 7.45 -2.47
C PHE A 45 5.06 8.31 -3.61
N HIS A 46 6.15 9.02 -3.33
CA HIS A 46 6.65 10.04 -4.24
C HIS A 46 7.59 9.47 -5.29
N THR A 47 7.39 9.90 -6.53
CA THR A 47 8.18 9.38 -7.65
C THR A 47 8.92 10.50 -8.35
N PRO A 48 10.17 10.77 -7.95
CA PRO A 48 10.94 10.11 -6.89
C PRO A 48 10.75 10.79 -5.53
N PRO A 49 11.26 10.19 -4.44
CA PRO A 49 11.19 10.86 -3.14
C PRO A 49 11.84 12.24 -3.18
N GLY A 50 11.22 13.22 -2.54
CA GLY A 50 11.66 14.60 -2.65
C GLY A 50 10.74 15.43 -3.53
N SER A 51 10.47 14.95 -4.75
CA SER A 51 9.55 15.63 -5.67
C SER A 51 8.10 15.66 -5.20
N ASP A 52 7.25 16.40 -5.90
CA ASP A 52 5.85 16.39 -5.54
C ASP A 52 5.00 15.55 -6.49
N ARG A 53 5.65 14.71 -7.28
CA ARG A 53 4.90 13.68 -8.00
C ARG A 53 4.63 12.56 -7.00
N ASN A 54 3.49 11.89 -7.13
CA ASN A 54 3.27 10.66 -6.37
C ASN A 54 2.63 9.60 -7.24
N ALA A 55 2.49 8.39 -6.68
CA ALA A 55 2.09 7.25 -7.52
C ALA A 55 0.69 7.41 -8.15
N ALA A 56 -0.19 8.10 -7.45
CA ALA A 56 -1.58 8.21 -7.91
C ALA A 56 -2.03 9.60 -8.38
N HIS A 57 -1.21 10.63 -8.17
CA HIS A 57 -1.58 12.01 -8.46
C HIS A 57 -0.43 12.83 -8.94
N MET A 58 -0.73 13.96 -9.56
CA MET A 58 0.27 15.00 -9.85
C MET A 58 1.37 14.52 -10.77
N SER A 59 0.99 13.65 -11.69
CA SER A 59 1.92 12.97 -12.53
C SER A 59 1.18 12.17 -13.58
N SER A 60 1.93 11.62 -14.52
CA SER A 60 1.35 10.94 -15.68
C SER A 60 0.48 9.73 -15.32
N ALA A 61 0.80 9.08 -14.19
CA ALA A 61 0.11 7.84 -13.82
C ALA A 61 -1.25 8.06 -13.18
N PHE A 62 -1.56 9.34 -12.91
CA PHE A 62 -2.83 9.71 -12.28
C PHE A 62 -4.01 8.95 -12.88
N LEU A 63 -4.10 8.94 -14.21
CA LEU A 63 -5.22 8.33 -14.92
C LEU A 63 -5.25 6.80 -14.95
N PRO A 64 -4.16 6.13 -15.42
CA PRO A 64 -4.21 4.67 -15.34
C PRO A 64 -4.30 4.15 -13.90
N TRP A 65 -3.64 4.81 -12.94
CA TRP A 65 -3.73 4.37 -11.55
C TRP A 65 -5.18 4.30 -11.10
N HIS A 66 -5.93 5.38 -11.35
CA HIS A 66 -7.34 5.39 -10.97
C HIS A 66 -8.22 4.43 -11.76
N ARG A 67 -7.86 4.16 -13.03
CA ARG A 67 -8.59 3.18 -13.81
C ARG A 67 -8.45 1.79 -13.20
N GLU A 68 -7.21 1.39 -12.90
CA GLU A 68 -6.96 0.13 -12.21
C GLU A 68 -7.69 0.08 -10.85
N TYR A 69 -7.58 1.15 -10.08
CA TYR A 69 -8.29 1.28 -8.79
C TYR A 69 -9.76 0.92 -8.94
N LEU A 70 -10.44 1.61 -9.87
CA LEU A 70 -11.86 1.38 -10.15
C LEU A 70 -12.19 -0.03 -10.61
N LEU A 71 -11.32 -0.59 -11.45
CA LEU A 71 -11.49 -1.95 -11.97
C LEU A 71 -11.52 -2.97 -10.84
N ARG A 72 -10.51 -2.93 -9.98
CA ARG A 72 -10.47 -3.74 -8.77
C ARG A 72 -11.73 -3.54 -7.92
N PHE A 73 -12.10 -2.28 -7.69
CA PHE A 73 -13.29 -2.01 -6.89
C PHE A 73 -14.52 -2.70 -7.49
N GLU A 74 -14.68 -2.53 -8.80
CA GLU A 74 -15.81 -3.09 -9.52
C GLU A 74 -15.87 -4.63 -9.44
N ARG A 75 -14.72 -5.28 -9.63
CA ARG A 75 -14.63 -6.74 -9.46
C ARG A 75 -15.08 -7.15 -8.06
N ASP A 76 -14.63 -6.41 -7.06
CA ASP A 76 -15.09 -6.62 -5.70
C ASP A 76 -16.61 -6.44 -5.57
N LEU A 77 -17.17 -5.46 -6.27
CA LEU A 77 -18.62 -5.33 -6.32
C LEU A 77 -19.24 -6.58 -6.95
N GLN A 78 -18.67 -7.01 -8.08
CA GLN A 78 -19.23 -8.13 -8.81
C GLN A 78 -19.15 -9.48 -8.09
N SER A 79 -18.19 -9.63 -7.19
CA SER A 79 -18.11 -10.83 -6.35
C SER A 79 -19.26 -10.94 -5.34
N ILE A 80 -20.03 -9.87 -5.20
CA ILE A 80 -21.22 -9.88 -4.35
C ILE A 80 -22.46 -10.05 -5.22
N ASN A 81 -22.60 -9.16 -6.20
CA ASN A 81 -23.68 -9.24 -7.17
C ASN A 81 -23.11 -9.08 -8.57
N PRO A 82 -22.93 -10.20 -9.26
CA PRO A 82 -22.25 -10.20 -10.56
C PRO A 82 -22.91 -9.34 -11.63
N GLU A 83 -24.02 -8.72 -11.29
CA GLU A 83 -24.76 -7.89 -12.22
C GLU A 83 -24.49 -6.41 -11.98
N VAL A 84 -23.92 -6.08 -10.82
CA VAL A 84 -23.66 -4.69 -10.46
C VAL A 84 -22.41 -4.13 -11.16
N THR A 85 -22.48 -2.90 -11.62
CA THR A 85 -21.34 -2.20 -12.20
C THR A 85 -21.23 -0.77 -11.65
N LEU A 86 -20.04 -0.19 -11.68
CA LEU A 86 -19.79 1.19 -11.26
C LEU A 86 -20.51 2.23 -12.10
N PRO A 87 -21.47 2.97 -11.51
CA PRO A 87 -21.98 4.05 -12.36
C PRO A 87 -21.07 5.28 -12.28
N TYR A 88 -21.30 6.30 -13.11
CA TYR A 88 -20.52 7.53 -13.05
C TYR A 88 -21.37 8.79 -12.79
N TRP A 89 -20.74 9.81 -12.22
CA TRP A 89 -21.41 11.07 -11.90
C TRP A 89 -21.07 12.09 -12.97
N GLU A 90 -22.05 12.47 -13.79
CA GLU A 90 -21.78 13.38 -14.89
C GLU A 90 -21.87 14.82 -14.39
N TRP A 91 -20.87 15.22 -13.60
CA TRP A 91 -20.91 16.53 -12.94
C TRP A 91 -21.01 17.74 -13.89
N GLU A 92 -20.60 17.56 -15.15
CA GLU A 92 -20.62 18.66 -16.10
C GLU A 92 -22.04 19.08 -16.45
N THR A 93 -22.96 18.13 -16.41
CA THR A 93 -24.34 18.47 -16.68
C THR A 93 -25.07 18.95 -15.43
N ASP A 94 -24.65 18.45 -14.25
CA ASP A 94 -25.15 18.95 -12.97
C ASP A 94 -24.80 20.43 -12.84
N ALA A 95 -23.61 20.80 -13.30
CA ALA A 95 -23.17 22.19 -13.32
C ALA A 95 -24.12 23.15 -14.06
N GLN A 96 -24.93 22.61 -14.97
CA GLN A 96 -25.89 23.44 -15.72
C GLN A 96 -26.99 23.98 -14.80
N MET A 97 -27.29 23.24 -13.73
CA MET A 97 -28.31 23.64 -12.78
C MET A 97 -27.88 24.90 -12.08
N GLN A 98 -28.86 25.79 -11.83
CA GLN A 98 -28.58 26.98 -11.03
C GLN A 98 -28.08 26.58 -9.66
N ASP A 99 -28.60 25.48 -9.12
CA ASP A 99 -28.06 24.89 -7.89
C ASP A 99 -27.87 23.37 -7.94
N PRO A 100 -26.64 22.94 -8.24
CA PRO A 100 -26.26 21.51 -8.39
C PRO A 100 -26.56 20.63 -7.16
N SER A 101 -26.68 21.22 -5.97
CA SER A 101 -27.01 20.42 -4.78
C SER A 101 -28.41 19.79 -4.82
N GLN A 102 -29.23 20.21 -5.76
CA GLN A 102 -30.56 19.63 -5.90
C GLN A 102 -30.58 18.40 -6.79
N SER A 103 -29.43 18.09 -7.41
CA SER A 103 -29.31 16.91 -8.27
C SER A 103 -29.78 15.64 -7.57
N GLN A 104 -30.33 14.69 -8.31
CA GLN A 104 -30.85 13.46 -7.73
C GLN A 104 -29.77 12.53 -7.19
N ILE A 105 -28.51 12.81 -7.51
CA ILE A 105 -27.39 11.99 -7.05
C ILE A 105 -27.15 12.18 -5.55
N TRP A 106 -27.85 13.15 -4.97
CA TRP A 106 -27.71 13.43 -3.54
C TRP A 106 -28.99 13.12 -2.80
N SER A 107 -29.75 12.19 -3.34
CA SER A 107 -31.01 11.79 -2.72
C SER A 107 -30.78 10.78 -1.59
N ALA A 108 -31.75 10.68 -0.69
CA ALA A 108 -31.65 9.76 0.44
C ALA A 108 -31.58 8.31 0.03
N ASP A 109 -32.01 8.03 -1.17
CA ASP A 109 -31.93 6.69 -1.67
C ASP A 109 -30.57 6.36 -2.27
N PHE A 110 -29.74 7.38 -2.51
CA PHE A 110 -28.42 7.16 -3.12
C PHE A 110 -27.08 7.57 -2.45
N MET A 111 -26.69 8.85 -2.53
CA MET A 111 -25.43 9.28 -1.89
C MET A 111 -25.75 10.00 -0.57
N GLY A 112 -27.01 10.38 -0.39
CA GLY A 112 -27.41 11.19 0.73
C GLY A 112 -26.99 12.61 0.40
N GLY A 113 -27.15 13.54 1.34
CA GLY A 113 -27.08 14.95 1.02
C GLY A 113 -25.87 15.75 1.45
N ASN A 114 -26.04 17.07 1.48
CA ASN A 114 -25.01 17.99 1.89
C ASN A 114 -24.80 17.88 3.40
N GLY A 115 -23.72 18.47 3.91
CA GLY A 115 -23.43 18.42 5.34
C GLY A 115 -24.36 19.33 6.13
N ASN A 116 -24.57 18.97 7.40
CA ASN A 116 -25.36 19.76 8.33
C ASN A 116 -24.45 20.74 9.04
N PRO A 117 -24.58 22.05 8.73
CA PRO A 117 -23.69 23.02 9.38
C PRO A 117 -23.87 23.13 10.90
N ILE A 118 -24.97 22.60 11.45
CA ILE A 118 -25.18 22.57 12.91
C ILE A 118 -24.28 21.52 13.54
N LYS A 119 -23.95 20.50 12.76
CA LYS A 119 -23.11 19.41 13.27
C LYS A 119 -21.76 19.38 12.57
N ASP A 120 -21.20 20.55 12.32
CA ASP A 120 -19.90 20.69 11.66
C ASP A 120 -19.81 19.94 10.32
N PHE A 121 -20.91 19.97 9.57
CA PHE A 121 -20.97 19.46 8.20
C PHE A 121 -20.94 17.94 8.05
N ILE A 122 -21.19 17.26 9.17
CA ILE A 122 -21.49 15.84 9.14
C ILE A 122 -22.72 15.58 8.26
N VAL A 123 -22.60 14.64 7.33
CA VAL A 123 -23.73 14.21 6.51
C VAL A 123 -24.68 13.40 7.38
N ASP A 124 -25.95 13.83 7.49
CA ASP A 124 -26.86 13.08 8.34
C ASP A 124 -28.12 12.54 7.62
N THR A 125 -28.04 12.43 6.29
CA THR A 125 -29.04 11.70 5.53
C THR A 125 -28.42 10.70 4.56
N GLY A 126 -29.25 9.81 4.03
CA GLY A 126 -28.80 8.83 3.08
C GLY A 126 -28.08 7.68 3.75
N PRO A 127 -27.70 6.68 2.95
CA PRO A 127 -27.17 5.39 3.42
C PRO A 127 -25.84 5.54 4.12
N PHE A 128 -25.19 6.69 3.93
CA PHE A 128 -23.83 6.87 4.43
C PHE A 128 -23.73 7.96 5.49
N ALA A 129 -24.85 8.25 6.13
CA ALA A 129 -24.89 9.26 7.18
C ALA A 129 -24.17 8.75 8.41
N ALA A 130 -23.66 9.66 9.21
CA ALA A 130 -23.03 9.30 10.49
C ALA A 130 -23.93 8.37 11.28
N GLY A 131 -23.35 7.29 11.80
CA GLY A 131 -24.13 6.29 12.51
C GLY A 131 -24.63 5.17 11.62
N ARG A 132 -24.43 5.30 10.32
CA ARG A 132 -24.72 4.22 9.40
C ARG A 132 -23.45 3.75 8.70
N TRP A 133 -22.40 4.56 8.80
CA TRP A 133 -21.21 4.43 7.96
C TRP A 133 -20.04 5.05 8.71
N THR A 134 -19.10 4.22 9.14
CA THR A 134 -17.98 4.73 9.92
C THR A 134 -16.84 5.13 9.00
N THR A 135 -16.18 6.22 9.34
CA THR A 135 -15.12 6.75 8.51
C THR A 135 -13.80 6.52 9.24
N ILE A 136 -12.70 6.54 8.50
CA ILE A 136 -11.37 6.48 9.09
C ILE A 136 -10.62 7.75 8.72
N ASP A 137 -9.69 8.16 9.57
CA ASP A 137 -8.87 9.34 9.29
C ASP A 137 -7.57 8.96 8.59
N GLU A 138 -6.71 9.95 8.39
CA GLU A 138 -5.42 9.80 7.76
C GLU A 138 -4.50 8.75 8.42
N GLN A 139 -4.67 8.52 9.73
CA GLN A 139 -3.84 7.56 10.45
C GLN A 139 -4.44 6.14 10.52
N GLY A 140 -5.61 5.96 9.92
CA GLY A 140 -6.25 4.65 9.89
C GLY A 140 -7.21 4.39 11.04
N ASN A 141 -7.45 5.41 11.83
CA ASN A 141 -8.33 5.27 12.98
C ASN A 141 -9.64 5.96 12.73
N PRO A 142 -10.74 5.46 13.35
CA PRO A 142 -12.09 6.01 13.18
C PRO A 142 -12.10 7.51 13.38
N SER A 143 -12.91 8.20 12.57
CA SER A 143 -12.95 9.66 12.58
C SER A 143 -14.36 10.18 12.83
N GLY A 144 -15.32 9.28 12.94
CA GLY A 144 -16.65 9.68 13.37
C GLY A 144 -17.66 10.28 12.40
N GLY A 145 -17.48 10.12 11.09
CA GLY A 145 -18.55 10.49 10.18
C GLY A 145 -18.23 11.27 8.92
N LEU A 146 -18.87 10.89 7.82
CA LEU A 146 -18.80 11.61 6.56
C LEU A 146 -19.13 13.10 6.69
N LYS A 147 -18.29 13.94 6.09
CA LYS A 147 -18.60 15.35 5.96
C LYS A 147 -18.64 15.77 4.47
N ARG A 148 -19.56 16.67 4.16
CA ARG A 148 -19.63 17.34 2.87
C ARG A 148 -20.00 18.81 3.05
N ASN A 149 -19.43 19.68 2.24
CA ASN A 149 -19.76 21.10 2.30
C ASN A 149 -19.80 21.74 0.90
N PHE A 150 -20.86 21.46 0.15
CA PHE A 150 -20.90 21.80 -1.29
C PHE A 150 -20.57 23.25 -1.62
N GLY A 151 -19.50 23.44 -2.36
CA GLY A 151 -19.13 24.72 -2.94
C GLY A 151 -18.83 25.82 -1.96
N ALA A 152 -18.35 25.46 -0.78
CA ALA A 152 -18.18 26.41 0.30
C ALA A 152 -16.89 27.20 0.16
N THR A 153 -16.17 26.95 -0.93
CA THR A 153 -14.81 27.44 -1.07
C THR A 153 -14.68 28.47 -2.20
N LYS A 154 -13.85 29.50 -1.97
CA LYS A 154 -13.59 30.53 -2.97
C LYS A 154 -12.94 29.99 -4.24
N GLU A 155 -11.99 29.08 -4.06
CA GLU A 155 -11.26 28.48 -5.18
C GLU A 155 -12.15 27.57 -6.02
N ALA A 156 -13.13 26.93 -5.39
CA ALA A 156 -14.01 25.98 -6.08
C ALA A 156 -15.50 26.20 -5.85
N PRO A 157 -16.01 27.40 -6.14
CA PRO A 157 -17.42 27.65 -5.84
C PRO A 157 -18.38 26.87 -6.74
N THR A 158 -17.90 26.39 -7.88
CA THR A 158 -18.77 25.76 -8.88
C THR A 158 -18.24 24.41 -9.39
N LEU A 159 -19.13 23.58 -9.91
CA LEU A 159 -18.75 22.37 -10.62
C LEU A 159 -18.17 22.75 -11.97
N PRO A 160 -17.27 21.93 -12.53
CA PRO A 160 -16.79 22.22 -13.88
C PRO A 160 -17.87 22.01 -14.94
N THR A 161 -17.74 22.71 -16.05
CA THR A 161 -18.79 22.75 -17.09
C THR A 161 -18.53 21.79 -18.25
N ARG A 162 -19.57 21.59 -19.06
CA ARG A 162 -19.44 20.81 -20.28
C ARG A 162 -18.35 21.39 -21.17
N ASP A 163 -18.27 22.72 -21.21
CA ASP A 163 -17.25 23.41 -21.98
C ASP A 163 -15.83 23.12 -21.46
N ASP A 164 -15.67 23.10 -20.14
CA ASP A 164 -14.40 22.72 -19.54
C ASP A 164 -13.92 21.36 -20.03
N VAL A 165 -14.84 20.40 -20.07
CA VAL A 165 -14.53 19.06 -20.56
C VAL A 165 -14.13 19.09 -22.03
N LEU A 166 -14.93 19.76 -22.85
CA LEU A 166 -14.69 19.85 -24.28
C LEU A 166 -13.33 20.45 -24.58
N ASN A 167 -12.96 21.49 -23.83
CA ASN A 167 -11.66 22.13 -24.02
C ASN A 167 -10.48 21.24 -23.62
N ALA A 168 -10.70 20.32 -22.68
CA ALA A 168 -9.63 19.39 -22.31
C ALA A 168 -9.46 18.38 -23.43
N LEU A 169 -10.56 18.00 -24.06
CA LEU A 169 -10.54 16.99 -25.11
C LEU A 169 -9.84 17.50 -26.37
N LYS A 170 -9.59 18.81 -26.45
CA LYS A 170 -8.91 19.38 -27.61
C LYS A 170 -7.42 19.12 -27.57
N ILE A 171 -6.88 18.92 -26.38
CA ILE A 171 -5.44 18.77 -26.20
C ILE A 171 -4.90 17.53 -26.89
N THR A 172 -3.77 17.70 -27.57
CA THR A 172 -3.19 16.63 -28.37
C THR A 172 -2.29 15.67 -27.58
N GLN A 173 -1.42 16.20 -26.73
CA GLN A 173 -0.48 15.38 -25.97
C GLN A 173 -1.14 14.78 -24.74
N TYR A 174 -0.90 13.48 -24.50
CA TYR A 174 -1.42 12.87 -23.28
C TYR A 174 -0.82 13.59 -22.09
N ASP A 175 0.50 13.74 -22.11
CA ASP A 175 1.19 14.48 -21.07
C ASP A 175 2.49 15.02 -21.64
N THR A 176 3.15 15.90 -20.90
CA THR A 176 4.39 16.53 -21.34
C THR A 176 5.39 16.63 -20.20
N PRO A 177 6.68 16.69 -20.54
CA PRO A 177 7.71 16.92 -19.53
C PRO A 177 7.36 18.16 -18.70
N PRO A 178 7.71 18.22 -17.42
CA PRO A 178 8.36 17.14 -16.68
C PRO A 178 7.35 16.27 -15.95
N TRP A 179 6.24 15.97 -16.59
CA TRP A 179 5.32 14.98 -16.08
C TRP A 179 4.79 15.25 -14.71
N ASP A 180 4.35 16.49 -14.48
CA ASP A 180 3.82 16.85 -13.17
C ASP A 180 2.94 18.08 -13.21
N MET A 181 2.65 18.59 -12.02
CA MET A 181 1.81 19.75 -11.80
C MET A 181 1.98 20.88 -12.80
N THR A 182 3.21 21.08 -13.24
CA THR A 182 3.54 22.23 -14.09
C THR A 182 3.51 21.89 -15.58
N SER A 183 3.15 20.65 -15.90
CA SER A 183 3.05 20.21 -17.29
C SER A 183 2.06 21.07 -18.08
N GLN A 184 2.52 21.57 -19.23
CA GLN A 184 1.68 22.40 -20.07
C GLN A 184 1.28 21.65 -21.33
N ASN A 185 0.16 22.05 -21.90
CA ASN A 185 -0.38 21.44 -23.11
C ASN A 185 -0.59 19.95 -22.94
N SER A 186 -1.15 19.58 -21.79
CA SER A 186 -1.17 18.20 -21.35
C SER A 186 -2.57 17.77 -20.98
N PHE A 187 -3.13 16.83 -21.73
CA PHE A 187 -4.45 16.30 -21.39
C PHE A 187 -4.50 15.80 -19.95
N ARG A 188 -3.52 14.99 -19.55
CA ARG A 188 -3.46 14.47 -18.18
C ARG A 188 -3.59 15.59 -17.14
N ASN A 189 -2.71 16.59 -17.24
CA ASN A 189 -2.67 17.65 -16.26
C ASN A 189 -3.94 18.50 -16.28
N GLN A 190 -4.49 18.70 -17.47
CA GLN A 190 -5.69 19.47 -17.66
C GLN A 190 -6.88 18.83 -16.98
N LEU A 191 -7.12 17.55 -17.31
CA LEU A 191 -8.22 16.79 -16.72
C LEU A 191 -8.02 16.63 -15.23
N GLU A 192 -6.78 16.36 -14.80
CA GLU A 192 -6.48 16.25 -13.36
C GLU A 192 -6.86 17.53 -12.62
N GLY A 193 -6.39 18.68 -13.12
CA GLY A 193 -6.94 19.95 -12.70
C GLY A 193 -5.99 21.06 -12.30
N PHE A 194 -4.72 20.95 -12.69
CA PHE A 194 -3.72 21.91 -12.22
C PHE A 194 -3.49 23.12 -13.14
N ILE A 195 -4.10 23.10 -14.31
CA ILE A 195 -4.00 24.23 -15.22
C ILE A 195 -4.98 25.30 -14.79
N ASN A 196 -4.47 26.41 -14.25
CA ASN A 196 -5.30 27.43 -13.61
C ASN A 196 -6.18 26.79 -12.54
N GLY A 197 -5.56 25.94 -11.73
CA GLY A 197 -6.28 25.09 -10.79
C GLY A 197 -6.97 25.83 -9.67
N PRO A 198 -7.96 25.18 -9.03
CA PRO A 198 -8.41 23.81 -9.34
C PRO A 198 -9.51 23.75 -10.41
N GLN A 199 -9.27 23.00 -11.47
CA GLN A 199 -10.27 22.74 -12.49
C GLN A 199 -10.62 21.26 -12.54
N LEU A 200 -11.68 20.95 -13.27
CA LEU A 200 -12.10 19.57 -13.51
C LEU A 200 -12.01 18.59 -12.32
N HIS A 201 -11.16 17.56 -12.37
CA HIS A 201 -11.08 16.54 -11.31
C HIS A 201 -10.81 17.13 -9.95
N ASN A 202 -9.84 18.03 -9.86
CA ASN A 202 -9.47 18.66 -8.58
C ASN A 202 -10.58 19.54 -8.04
N ARG A 203 -11.23 20.27 -8.94
CA ARG A 203 -12.30 21.17 -8.56
C ARG A 203 -13.46 20.38 -7.99
N VAL A 204 -13.76 19.24 -8.60
CA VAL A 204 -14.83 18.40 -8.07
C VAL A 204 -14.56 18.00 -6.59
N HIS A 205 -13.34 17.53 -6.32
CA HIS A 205 -12.95 17.16 -4.97
C HIS A 205 -13.23 18.28 -3.96
N ARG A 206 -12.74 19.48 -4.27
CA ARG A 206 -12.85 20.62 -3.37
C ARG A 206 -14.28 21.19 -3.27
N TRP A 207 -15.06 21.05 -4.33
CA TRP A 207 -16.46 21.50 -4.37
C TRP A 207 -17.31 20.66 -3.43
N VAL A 208 -17.07 19.35 -3.43
CA VAL A 208 -17.77 18.48 -2.49
C VAL A 208 -17.34 18.78 -1.04
N GLY A 209 -16.05 19.00 -0.84
CA GLY A 209 -15.50 19.24 0.50
C GLY A 209 -15.62 18.04 1.43
N GLY A 210 -15.47 18.27 2.73
CA GLY A 210 -15.44 17.19 3.69
C GLY A 210 -14.22 16.31 3.42
N GLN A 211 -14.36 15.01 3.59
CA GLN A 211 -13.26 14.11 3.27
C GLN A 211 -12.87 14.14 1.78
N MET A 212 -13.79 14.52 0.89
CA MET A 212 -13.50 14.55 -0.55
C MET A 212 -12.50 15.63 -0.92
N GLY A 213 -12.26 16.56 0.01
CA GLY A 213 -11.39 17.69 -0.28
C GLY A 213 -9.93 17.43 0.01
N VAL A 214 -9.65 16.27 0.60
CA VAL A 214 -8.28 15.98 1.00
C VAL A 214 -7.83 14.58 0.57
N VAL A 215 -6.64 14.52 -0.01
CA VAL A 215 -6.11 13.27 -0.57
C VAL A 215 -6.24 12.03 0.34
N PRO A 216 -5.68 12.07 1.57
CA PRO A 216 -5.69 10.86 2.39
C PRO A 216 -7.05 10.31 2.82
N THR A 217 -8.08 11.16 2.85
CA THR A 217 -9.40 10.71 3.29
C THR A 217 -10.48 10.66 2.18
N ALA A 218 -10.19 11.24 1.01
CA ALA A 218 -11.21 11.33 -0.05
C ALA A 218 -12.07 10.08 -0.30
N PRO A 219 -11.47 8.89 -0.41
CA PRO A 219 -12.27 7.68 -0.64
C PRO A 219 -13.23 7.26 0.50
N ASN A 220 -13.18 7.90 1.66
CA ASN A 220 -14.20 7.68 2.68
C ASN A 220 -15.64 7.95 2.18
N ASP A 221 -15.75 8.76 1.14
CA ASP A 221 -17.04 9.10 0.54
C ASP A 221 -17.24 8.30 -0.73
N PRO A 222 -18.25 7.41 -0.76
CA PRO A 222 -18.46 6.56 -1.92
C PRO A 222 -18.61 7.32 -3.25
N VAL A 223 -18.93 8.62 -3.18
CA VAL A 223 -19.07 9.40 -4.41
C VAL A 223 -17.71 9.59 -5.09
N PHE A 224 -16.63 9.33 -4.34
CA PHE A 224 -15.28 9.34 -4.88
C PHE A 224 -15.24 8.47 -6.13
N PHE A 225 -15.91 7.33 -6.06
CA PHE A 225 -15.84 6.31 -7.09
C PHE A 225 -16.69 6.71 -8.29
N LEU A 226 -17.84 7.32 -8.01
CA LEU A 226 -18.72 7.83 -9.05
C LEU A 226 -18.02 8.98 -9.79
N HIS A 227 -17.32 9.82 -9.02
CA HIS A 227 -16.52 10.90 -9.58
C HIS A 227 -15.48 10.35 -10.53
N HIS A 228 -14.66 9.42 -10.03
CA HIS A 228 -13.58 8.89 -10.85
C HIS A 228 -14.03 8.09 -12.07
N ALA A 229 -15.17 7.42 -11.95
CA ALA A 229 -15.81 6.80 -13.09
C ALA A 229 -16.09 7.83 -14.21
N ASN A 230 -16.41 9.06 -13.84
CA ASN A 230 -16.63 10.11 -14.85
C ASN A 230 -15.29 10.57 -15.44
N VAL A 231 -14.29 10.73 -14.58
CA VAL A 231 -12.94 11.03 -15.02
C VAL A 231 -12.44 9.95 -15.99
N ASP A 232 -12.72 8.68 -15.67
CA ASP A 232 -12.26 7.57 -16.50
C ASP A 232 -13.01 7.56 -17.83
N ARG A 233 -14.27 7.98 -17.80
CA ARG A 233 -15.06 8.05 -19.04
C ARG A 233 -14.51 9.13 -19.97
N ILE A 234 -14.17 10.28 -19.40
CA ILE A 234 -13.58 11.38 -20.14
C ILE A 234 -12.24 11.01 -20.80
N TRP A 235 -11.36 10.35 -20.05
CA TRP A 235 -10.13 9.82 -20.62
C TRP A 235 -10.41 8.85 -21.78
N ALA A 236 -11.34 7.91 -21.58
CA ALA A 236 -11.68 6.91 -22.56
C ALA A 236 -12.19 7.53 -23.86
N VAL A 237 -12.95 8.61 -23.72
CA VAL A 237 -13.39 9.41 -24.85
C VAL A 237 -12.23 10.08 -25.57
N TRP A 238 -11.30 10.65 -24.81
CA TRP A 238 -10.08 11.23 -25.38
C TRP A 238 -9.31 10.18 -26.15
N GLN A 239 -9.30 8.95 -25.63
CA GLN A 239 -8.54 7.86 -26.26
C GLN A 239 -9.20 7.42 -27.57
N ILE A 240 -10.52 7.57 -27.65
CA ILE A 240 -11.26 7.26 -28.86
C ILE A 240 -11.04 8.29 -29.95
N ILE A 241 -11.10 9.56 -29.59
CA ILE A 241 -10.87 10.67 -30.50
C ILE A 241 -9.45 10.73 -31.05
N HIS A 242 -8.45 10.68 -30.19
CA HIS A 242 -7.10 10.69 -30.67
C HIS A 242 -6.53 9.30 -30.75
N ARG A 243 -7.02 8.49 -31.70
CA ARG A 243 -6.74 7.06 -31.69
C ARG A 243 -5.27 6.74 -31.92
N ASN A 244 -4.50 7.75 -32.33
CA ASN A 244 -3.07 7.53 -32.61
C ASN A 244 -2.13 8.20 -31.61
N GLN A 245 -2.70 8.81 -30.58
CA GLN A 245 -1.89 9.35 -29.50
C GLN A 245 -1.79 8.28 -28.43
N ASN A 246 -0.60 8.10 -27.87
CA ASN A 246 -0.45 7.12 -26.79
C ASN A 246 0.01 7.75 -25.46
N TYR A 247 -0.02 6.94 -24.42
CA TYR A 247 0.47 7.33 -23.11
C TYR A 247 1.87 7.94 -23.22
N GLN A 248 2.15 8.93 -22.39
CA GLN A 248 3.50 9.45 -22.19
C GLN A 248 3.72 9.67 -20.69
N PRO A 249 4.95 9.45 -20.21
CA PRO A 249 6.15 9.08 -20.98
C PRO A 249 6.24 7.59 -21.29
N MET A 250 6.83 7.27 -22.44
CA MET A 250 7.14 5.89 -22.77
C MET A 250 8.37 5.41 -22.01
N LYS A 251 9.33 6.31 -21.80
CA LYS A 251 10.54 6.00 -21.07
C LYS A 251 11.26 7.23 -20.50
N ASN A 252 12.21 6.98 -19.61
CA ASN A 252 12.98 8.03 -18.97
C ASN A 252 12.20 9.07 -18.18
N GLY A 253 10.96 8.75 -17.84
CA GLY A 253 10.23 9.49 -16.83
C GLY A 253 10.64 8.89 -15.50
N PRO A 254 10.25 9.48 -14.39
CA PRO A 254 10.60 8.88 -13.10
C PRO A 254 10.00 7.49 -13.00
N PHE A 255 10.63 6.60 -12.24
CA PHE A 255 10.14 5.23 -12.10
C PHE A 255 8.75 5.20 -11.47
N GLY A 256 7.84 4.52 -12.14
CA GLY A 256 6.46 4.42 -11.71
C GLY A 256 5.54 5.22 -12.63
N GLN A 257 6.14 6.08 -13.46
CA GLN A 257 5.38 6.94 -14.37
C GLN A 257 5.42 6.49 -15.83
N ASN A 258 6.40 5.66 -16.16
CA ASN A 258 6.55 5.15 -17.52
C ASN A 258 5.52 4.09 -17.90
N PHE A 259 5.36 3.88 -19.21
CA PHE A 259 4.33 3.04 -19.81
C PHE A 259 4.30 1.62 -19.26
N ARG A 260 5.48 1.04 -19.04
CA ARG A 260 5.56 -0.33 -18.55
C ARG A 260 6.16 -0.44 -17.13
N ASP A 261 6.10 0.63 -16.36
CA ASP A 261 6.47 0.58 -14.94
C ASP A 261 5.28 0.15 -14.07
N PRO A 262 5.53 -0.67 -13.04
CA PRO A 262 4.48 -1.00 -12.06
C PRO A 262 4.01 0.25 -11.32
N MET A 263 2.70 0.36 -11.11
CA MET A 263 2.14 1.47 -10.34
C MET A 263 1.95 1.05 -8.89
N TYR A 264 2.82 1.54 -8.00
CA TYR A 264 2.64 1.33 -6.56
C TYR A 264 1.20 1.74 -6.22
N PRO A 265 0.50 0.92 -5.43
CA PRO A 265 1.03 -0.21 -4.67
C PRO A 265 0.83 -1.57 -5.35
N TRP A 266 0.61 -1.57 -6.66
CA TRP A 266 0.42 -2.81 -7.39
C TRP A 266 1.61 -3.12 -8.29
N ASN A 267 1.56 -4.25 -8.99
CA ASN A 267 2.50 -4.49 -10.08
C ASN A 267 1.90 -4.07 -11.43
N THR A 268 0.63 -3.67 -11.43
CA THR A 268 -0.09 -3.18 -12.62
C THR A 268 0.63 -2.02 -13.30
N THR A 269 0.75 -2.10 -14.63
CA THR A 269 1.39 -1.05 -15.43
C THR A 269 0.29 -0.24 -16.14
N PRO A 270 0.59 0.99 -16.56
CA PRO A 270 -0.36 1.77 -17.38
C PRO A 270 -0.78 1.00 -18.66
N GLU A 271 0.16 0.27 -19.28
CA GLU A 271 -0.16 -0.50 -20.47
C GLU A 271 -1.21 -1.56 -20.19
N ASP A 272 -1.14 -2.16 -19.00
CA ASP A 272 -2.12 -3.15 -18.58
C ASP A 272 -3.57 -2.62 -18.59
N VAL A 273 -3.75 -1.31 -18.54
CA VAL A 273 -5.10 -0.74 -18.46
C VAL A 273 -5.38 0.35 -19.49
N MET A 274 -4.59 0.39 -20.55
CA MET A 274 -4.66 1.49 -21.50
C MET A 274 -5.87 1.33 -22.45
N ASN A 275 -6.41 0.12 -22.53
CA ASN A 275 -7.57 -0.14 -23.37
C ASN A 275 -8.68 -0.68 -22.51
N HIS A 276 -9.63 0.20 -22.19
CA HIS A 276 -10.63 -0.11 -21.18
C HIS A 276 -11.59 -1.21 -21.62
N ARG A 277 -11.84 -1.34 -22.92
CA ARG A 277 -12.68 -2.43 -23.44
C ARG A 277 -12.06 -3.80 -23.16
N LYS A 278 -10.73 -3.86 -23.20
CA LYS A 278 -10.02 -5.10 -22.93
C LYS A 278 -10.24 -5.47 -21.47
N LEU A 279 -10.55 -4.46 -20.66
CA LEU A 279 -10.77 -4.66 -19.23
C LEU A 279 -12.14 -5.26 -18.95
N GLY A 280 -13.00 -5.27 -19.97
CA GLY A 280 -14.30 -5.89 -19.83
C GLY A 280 -15.48 -4.96 -19.67
N TYR A 281 -15.25 -3.64 -19.78
CA TYR A 281 -16.36 -2.70 -19.59
C TYR A 281 -16.40 -1.60 -20.64
N VAL A 282 -17.55 -0.95 -20.73
CA VAL A 282 -17.75 0.11 -21.68
C VAL A 282 -18.72 1.12 -21.04
N TYR A 283 -18.56 2.40 -21.38
CA TYR A 283 -19.49 3.41 -20.88
C TYR A 283 -20.70 3.49 -21.80
N ASP A 284 -21.86 3.76 -21.21
CA ASP A 284 -23.13 3.73 -21.92
C ASP A 284 -23.15 4.65 -23.13
N ILE A 285 -22.36 5.72 -23.11
CA ILE A 285 -22.34 6.64 -24.24
C ILE A 285 -21.68 6.02 -25.47
N GLU A 286 -20.92 4.95 -25.27
CA GLU A 286 -20.26 4.27 -26.37
C GLU A 286 -21.26 3.41 -27.13
N LEU A 287 -22.44 3.20 -26.55
CA LEU A 287 -23.45 2.32 -27.16
C LEU A 287 -24.58 3.13 -27.80
N LYS B 1 11.51 -26.31 -3.41
CA LYS B 1 12.67 -26.91 -2.75
C LYS B 1 13.98 -26.56 -3.46
N TYR B 2 13.89 -26.12 -4.71
CA TYR B 2 15.09 -25.86 -5.51
C TYR B 2 15.98 -24.76 -4.92
N ARG B 3 15.49 -23.52 -4.90
CA ARG B 3 16.31 -22.41 -4.42
C ARG B 3 16.62 -22.49 -2.93
N VAL B 4 17.88 -22.23 -2.58
CA VAL B 4 18.31 -22.40 -1.20
C VAL B 4 18.77 -21.10 -0.57
N ARG B 5 18.21 -20.81 0.60
CA ARG B 5 18.57 -19.66 1.39
C ARG B 5 19.57 -20.08 2.47
N LYS B 6 20.73 -19.42 2.51
CA LYS B 6 21.83 -19.84 3.37
C LYS B 6 22.11 -18.88 4.52
N ASN B 7 22.72 -19.43 5.58
CA ASN B 7 23.24 -18.66 6.68
C ASN B 7 24.31 -17.71 6.14
N VAL B 8 24.19 -16.44 6.53
CA VAL B 8 25.17 -15.42 6.16
C VAL B 8 26.59 -15.90 6.35
N LEU B 9 26.83 -16.60 7.45
CA LEU B 9 28.16 -17.12 7.76
C LEU B 9 28.63 -18.26 6.85
N HIS B 10 27.75 -18.77 6.00
CA HIS B 10 28.14 -19.81 5.04
C HIS B 10 28.36 -19.24 3.62
N LEU B 11 28.26 -17.92 3.48
CA LEU B 11 28.35 -17.28 2.17
C LEU B 11 29.79 -17.06 1.73
N THR B 12 30.09 -17.32 0.46
CA THR B 12 31.41 -16.97 -0.08
C THR B 12 31.49 -15.46 -0.24
N ASP B 13 32.71 -14.93 -0.34
CA ASP B 13 32.90 -13.50 -0.63
C ASP B 13 32.14 -13.06 -1.89
N THR B 14 32.05 -13.94 -2.87
CA THR B 14 31.37 -13.61 -4.13
C THR B 14 29.86 -13.57 -3.98
N GLU B 15 29.32 -14.50 -3.19
CA GLU B 15 27.90 -14.49 -2.88
C GLU B 15 27.51 -13.20 -2.14
N LYS B 16 28.34 -12.81 -1.17
CA LYS B 16 28.09 -11.59 -0.40
C LYS B 16 28.11 -10.37 -1.33
N ARG B 17 29.03 -10.41 -2.29
CA ARG B 17 29.25 -9.29 -3.20
C ARG B 17 28.10 -9.17 -4.19
N ASP B 18 27.56 -10.31 -4.61
CA ASP B 18 26.48 -10.33 -5.59
C ASP B 18 25.18 -9.96 -4.90
N PHE B 19 25.02 -10.42 -3.66
CA PHE B 19 23.82 -10.05 -2.92
C PHE B 19 23.75 -8.52 -2.76
N VAL B 20 24.84 -7.93 -2.33
CA VAL B 20 24.90 -6.49 -2.11
C VAL B 20 24.67 -5.70 -3.40
N ARG B 21 25.35 -6.11 -4.46
CA ARG B 21 25.26 -5.46 -5.75
C ARG B 21 23.84 -5.42 -6.25
N THR B 22 23.14 -6.53 -6.05
CA THR B 22 21.77 -6.69 -6.53
C THR B 22 20.81 -5.79 -5.77
N VAL B 23 21.06 -5.65 -4.48
CA VAL B 23 20.28 -4.76 -3.62
C VAL B 23 20.51 -3.33 -4.08
N LEU B 24 21.74 -3.01 -4.48
CA LEU B 24 22.02 -1.64 -4.90
C LEU B 24 21.30 -1.30 -6.21
N ILE B 25 21.20 -2.27 -7.10
CA ILE B 25 20.53 -2.09 -8.38
C ILE B 25 19.02 -1.91 -8.21
N LEU B 26 18.42 -2.81 -7.41
CA LEU B 26 17.03 -2.69 -6.99
C LEU B 26 16.74 -1.33 -6.38
N LYS B 27 17.70 -0.82 -5.61
CA LYS B 27 17.56 0.48 -4.97
C LYS B 27 17.60 1.59 -6.00
N GLU B 28 18.61 1.52 -6.87
CA GLU B 28 18.81 2.54 -7.89
C GLU B 28 17.64 2.60 -8.89
N LYS B 29 17.05 1.44 -9.17
CA LYS B 29 15.98 1.34 -10.15
C LYS B 29 14.70 1.95 -9.62
N GLY B 30 14.58 2.05 -8.30
CA GLY B 30 13.37 2.57 -7.69
C GLY B 30 12.50 1.49 -7.06
N ILE B 31 12.91 0.24 -7.25
CA ILE B 31 12.18 -0.92 -6.74
C ILE B 31 12.23 -1.08 -5.20
N TYR B 32 13.43 -0.90 -4.62
CA TYR B 32 13.63 -1.06 -3.18
C TYR B 32 12.64 -0.24 -2.36
N ASP B 33 12.50 1.03 -2.75
CA ASP B 33 11.61 1.97 -2.06
C ASP B 33 10.16 1.50 -1.96
N ARG B 34 9.72 0.69 -2.91
CA ARG B 34 8.36 0.15 -2.89
C ARG B 34 8.22 -0.79 -1.70
N TYR B 35 9.32 -1.44 -1.33
CA TYR B 35 9.31 -2.33 -0.17
C TYR B 35 9.21 -1.56 1.13
N ILE B 36 9.98 -0.48 1.27
CA ILE B 36 9.87 0.38 2.45
C ILE B 36 8.43 0.89 2.64
N ALA B 37 7.84 1.40 1.56
CA ALA B 37 6.48 1.93 1.64
C ALA B 37 5.44 0.86 1.97
N TRP B 38 5.51 -0.30 1.33
CA TRP B 38 4.54 -1.39 1.59
C TRP B 38 4.43 -1.74 3.06
N HIS B 39 5.58 -1.78 3.72
CA HIS B 39 5.66 -2.21 5.11
C HIS B 39 5.16 -1.14 6.08
N GLY B 40 5.49 0.12 5.79
CA GLY B 40 4.98 1.23 6.58
C GLY B 40 3.47 1.40 6.44
N ALA B 41 2.99 1.27 5.22
CA ALA B 41 1.57 1.37 4.93
C ALA B 41 0.81 0.25 5.63
N ALA B 42 1.35 -0.96 5.59
CA ALA B 42 0.74 -2.07 6.28
C ALA B 42 0.79 -1.82 7.78
N GLY B 43 1.75 -1.00 8.20
CA GLY B 43 1.97 -0.74 9.61
C GLY B 43 0.85 0.12 10.19
N LYS B 44 0.21 0.90 9.33
CA LYS B 44 -0.87 1.81 9.71
C LYS B 44 -2.23 1.29 9.29
N PHE B 45 -2.29 0.04 8.83
CA PHE B 45 -3.53 -0.56 8.39
C PHE B 45 -4.09 -1.42 9.52
N HIS B 46 -5.06 -0.89 10.26
CA HIS B 46 -5.51 -1.54 11.50
C HIS B 46 -6.70 -2.50 11.32
N THR B 47 -6.65 -3.65 11.98
CA THR B 47 -7.61 -4.72 11.70
C THR B 47 -8.30 -5.22 12.96
N PRO B 48 -9.44 -4.60 13.32
CA PRO B 48 -10.16 -3.51 12.63
C PRO B 48 -9.63 -2.13 13.02
N PRO B 49 -10.10 -1.05 12.37
CA PRO B 49 -9.63 0.27 12.80
C PRO B 49 -9.98 0.54 14.27
N GLY B 50 -9.14 1.28 14.98
CA GLY B 50 -9.32 1.44 16.41
C GLY B 50 -8.53 0.46 17.28
N SER B 51 -8.15 -0.69 16.73
CA SER B 51 -7.40 -1.70 17.49
C SER B 51 -5.90 -1.52 17.26
N ASP B 52 -5.07 -2.24 18.01
CA ASP B 52 -3.63 -2.12 17.83
C ASP B 52 -3.04 -3.24 16.95
N ARG B 53 -3.91 -4.06 16.37
CA ARG B 53 -3.47 -5.00 15.35
C ARG B 53 -3.26 -4.20 14.07
N ASN B 54 -2.22 -4.54 13.31
CA ASN B 54 -2.15 -4.03 11.94
C ASN B 54 -1.92 -5.19 10.97
N ALA B 55 -1.95 -4.91 9.67
CA ALA B 55 -1.90 -5.96 8.68
C ALA B 55 -0.63 -6.83 8.79
N ALA B 56 0.46 -6.22 9.25
CA ALA B 56 1.77 -6.86 9.20
C ALA B 56 2.38 -7.24 10.56
N HIS B 57 1.87 -6.67 11.64
CA HIS B 57 2.43 -6.91 12.97
C HIS B 57 1.36 -7.03 14.05
N MET B 58 1.79 -7.42 15.25
CA MET B 58 0.95 -7.43 16.45
C MET B 58 -0.31 -8.28 16.32
N SER B 59 -0.25 -9.25 15.42
CA SER B 59 -1.40 -10.04 14.99
C SER B 59 -0.96 -11.31 14.27
N SER B 60 -1.92 -12.20 13.99
CA SER B 60 -1.63 -13.53 13.44
C SER B 60 -0.93 -13.48 12.08
N ALA B 61 -1.28 -12.48 11.29
CA ALA B 61 -0.76 -12.36 9.93
C ALA B 61 0.68 -11.91 9.91
N PHE B 62 1.25 -11.64 11.08
CA PHE B 62 2.65 -11.22 11.18
C PHE B 62 3.59 -12.10 10.35
N LEU B 63 3.44 -13.41 10.51
CA LEU B 63 4.37 -14.38 9.90
C LEU B 63 4.14 -14.56 8.38
N PRO B 64 2.89 -14.85 7.94
CA PRO B 64 2.66 -14.97 6.49
C PRO B 64 2.84 -13.65 5.72
N TRP B 65 2.57 -12.51 6.35
CA TRP B 65 2.83 -11.22 5.71
C TRP B 65 4.32 -11.05 5.40
N HIS B 66 5.18 -11.19 6.41
CA HIS B 66 6.62 -11.04 6.18
C HIS B 66 7.18 -12.11 5.23
N ARG B 67 6.59 -13.30 5.22
CA ARG B 67 6.98 -14.34 4.28
C ARG B 67 6.56 -13.98 2.84
N GLU B 68 5.37 -13.42 2.66
CA GLU B 68 4.98 -12.94 1.34
C GLU B 68 5.89 -11.79 0.90
N TYR B 69 6.21 -10.92 1.85
CA TYR B 69 7.09 -9.77 1.63
C TYR B 69 8.47 -10.21 1.17
N LEU B 70 9.06 -11.18 1.88
CA LEU B 70 10.40 -11.65 1.55
C LEU B 70 10.40 -12.38 0.20
N LEU B 71 9.37 -13.17 -0.05
CA LEU B 71 9.21 -13.86 -1.31
C LEU B 71 9.27 -12.89 -2.49
N ARG B 72 8.54 -11.79 -2.38
CA ARG B 72 8.38 -10.84 -3.47
C ARG B 72 9.69 -10.10 -3.66
N PHE B 73 10.40 -9.85 -2.57
CA PHE B 73 11.70 -9.20 -2.65
C PHE B 73 12.69 -10.12 -3.38
N GLU B 74 12.63 -11.41 -3.07
CA GLU B 74 13.60 -12.37 -3.57
C GLU B 74 13.43 -12.55 -5.10
N ARG B 75 12.20 -12.59 -5.56
CA ARG B 75 11.93 -12.62 -6.99
C ARG B 75 12.50 -11.37 -7.65
N ASP B 76 12.32 -10.22 -7.01
CA ASP B 76 12.90 -8.98 -7.52
C ASP B 76 14.43 -9.09 -7.64
N LEU B 77 15.08 -9.62 -6.61
CA LEU B 77 16.51 -9.92 -6.69
C LEU B 77 16.81 -10.87 -7.86
N GLN B 78 16.05 -11.94 -7.96
CA GLN B 78 16.25 -12.96 -8.98
C GLN B 78 16.04 -12.46 -10.43
N SER B 79 15.29 -11.38 -10.58
CA SER B 79 15.03 -10.81 -11.88
C SER B 79 16.24 -10.01 -12.36
N ILE B 80 17.14 -9.71 -11.43
CA ILE B 80 18.41 -9.07 -11.78
C ILE B 80 19.48 -10.15 -11.97
N ASN B 81 19.57 -11.05 -11.00
CA ASN B 81 20.49 -12.18 -11.04
C ASN B 81 19.75 -13.41 -10.57
N PRO B 82 19.52 -14.34 -11.50
CA PRO B 82 18.69 -15.51 -11.20
C PRO B 82 19.33 -16.49 -10.23
N GLU B 83 20.61 -16.30 -9.87
CA GLU B 83 21.22 -17.20 -8.91
C GLU B 83 21.13 -16.70 -7.46
N VAL B 84 20.87 -15.41 -7.28
CA VAL B 84 20.83 -14.81 -5.95
C VAL B 84 19.62 -15.31 -5.13
N THR B 85 19.85 -15.60 -3.86
CA THR B 85 18.77 -15.93 -2.94
C THR B 85 18.91 -15.05 -1.70
N LEU B 86 17.86 -15.00 -0.89
CA LEU B 86 17.90 -14.27 0.37
C LEU B 86 18.66 -15.05 1.45
N PRO B 87 19.79 -14.53 1.94
CA PRO B 87 20.39 -15.26 3.06
C PRO B 87 19.73 -14.88 4.41
N TYR B 88 20.00 -15.63 5.47
CA TYR B 88 19.48 -15.30 6.80
C TYR B 88 20.56 -14.99 7.82
N TRP B 89 20.27 -14.00 8.65
CA TRP B 89 21.13 -13.67 9.76
C TRP B 89 20.71 -14.49 10.98
N GLU B 90 21.45 -15.56 11.28
CA GLU B 90 21.17 -16.40 12.45
C GLU B 90 21.62 -15.70 13.73
N TRP B 91 20.84 -14.72 14.20
CA TRP B 91 21.29 -13.88 15.31
C TRP B 91 21.52 -14.60 16.63
N GLU B 92 20.84 -15.73 16.84
CA GLU B 92 20.94 -16.43 18.11
C GLU B 92 22.35 -16.99 18.33
N THR B 93 23.03 -17.35 17.26
CA THR B 93 24.41 -17.81 17.37
C THR B 93 25.39 -16.63 17.49
N ASP B 94 25.02 -15.49 16.92
CA ASP B 94 25.79 -14.26 17.13
C ASP B 94 25.64 -13.81 18.59
N ALA B 95 24.58 -14.27 19.25
CA ALA B 95 24.31 -13.89 20.63
C ALA B 95 25.35 -14.49 21.56
N GLN B 96 26.02 -15.53 21.11
CA GLN B 96 27.03 -16.21 21.92
C GLN B 96 28.33 -15.43 21.99
N MET B 97 28.60 -14.59 21.00
CA MET B 97 29.83 -13.82 20.95
C MET B 97 29.93 -12.80 22.08
N GLN B 98 31.12 -12.59 22.62
CA GLN B 98 31.31 -11.58 23.66
C GLN B 98 30.99 -10.19 23.12
N ASP B 99 31.37 -9.96 21.86
CA ASP B 99 31.04 -8.72 21.16
C ASP B 99 30.43 -9.07 19.80
N PRO B 100 29.08 -9.08 19.73
CA PRO B 100 28.36 -9.45 18.50
C PRO B 100 28.65 -8.50 17.34
N SER B 101 29.07 -7.27 17.63
CA SER B 101 29.37 -6.30 16.58
C SER B 101 30.55 -6.76 15.72
N GLN B 102 31.32 -7.71 16.23
CA GLN B 102 32.47 -8.23 15.51
C GLN B 102 32.09 -9.42 14.64
N SER B 103 30.79 -9.73 14.59
CA SER B 103 30.30 -10.75 13.69
C SER B 103 30.53 -10.35 12.23
N GLN B 104 30.77 -11.33 11.38
CA GLN B 104 31.18 -11.10 10.00
C GLN B 104 30.06 -10.49 9.14
N ILE B 105 28.85 -10.47 9.66
CA ILE B 105 27.76 -9.84 8.94
C ILE B 105 27.97 -8.33 8.88
N TRP B 106 28.72 -7.79 9.83
CA TRP B 106 28.95 -6.35 9.91
C TRP B 106 30.19 -5.82 9.19
N SER B 107 30.89 -6.66 8.45
CA SER B 107 32.09 -6.20 7.72
C SER B 107 31.78 -5.33 6.49
N ALA B 108 32.76 -4.55 6.07
CA ALA B 108 32.60 -3.64 4.94
C ALA B 108 32.05 -4.35 3.70
N ASP B 109 32.46 -5.60 3.49
CA ASP B 109 32.06 -6.36 2.32
C ASP B 109 30.55 -6.63 2.31
N PHE B 110 29.93 -6.57 3.48
CA PHE B 110 28.52 -6.91 3.63
C PHE B 110 27.58 -5.77 4.05
N MET B 111 27.25 -5.71 5.34
CA MET B 111 26.15 -4.89 5.86
C MET B 111 26.84 -3.59 6.31
N GLY B 112 28.14 -3.65 6.51
CA GLY B 112 28.84 -2.52 7.12
C GLY B 112 28.59 -2.54 8.61
N GLY B 113 29.22 -1.62 9.33
CA GLY B 113 29.28 -1.73 10.78
C GLY B 113 28.22 -0.98 11.57
N ASN B 114 28.49 -0.87 12.87
CA ASN B 114 27.65 -0.11 13.78
C ASN B 114 27.75 1.36 13.43
N GLY B 115 26.82 2.17 13.95
CA GLY B 115 26.87 3.60 13.72
C GLY B 115 28.09 4.21 14.39
N ASN B 116 28.50 5.40 13.94
CA ASN B 116 29.62 6.11 14.55
C ASN B 116 29.13 7.21 15.49
N PRO B 117 29.39 7.04 16.80
CA PRO B 117 28.94 8.01 17.82
C PRO B 117 29.36 9.44 17.49
N ILE B 118 30.52 9.60 16.85
CA ILE B 118 31.01 10.91 16.42
C ILE B 118 30.05 11.56 15.40
N LYS B 119 29.35 10.74 14.62
CA LYS B 119 28.47 11.26 13.58
C LYS B 119 27.00 10.98 13.87
N ASP B 120 26.62 11.02 15.15
CA ASP B 120 25.25 10.71 15.60
C ASP B 120 24.79 9.30 15.18
N PHE B 121 25.74 8.37 15.15
CA PHE B 121 25.49 6.96 14.86
C PHE B 121 25.13 6.68 13.40
N ILE B 122 25.43 7.64 12.52
CA ILE B 122 25.36 7.38 11.08
C ILE B 122 26.33 6.24 10.74
N VAL B 123 25.87 5.31 9.90
CA VAL B 123 26.75 4.23 9.41
C VAL B 123 27.70 4.77 8.35
N ASP B 124 29.01 4.65 8.60
CA ASP B 124 29.99 5.21 7.68
C ASP B 124 30.96 4.18 7.11
N THR B 125 30.64 2.89 7.30
CA THR B 125 31.39 1.80 6.70
C THR B 125 30.48 0.86 5.90
N GLY B 126 31.02 0.28 4.84
CA GLY B 126 30.27 -0.68 4.04
C GLY B 126 29.51 -0.05 2.90
N PRO B 127 28.78 -0.87 2.14
CA PRO B 127 28.07 -0.52 0.91
C PRO B 127 26.85 0.38 1.13
N PHE B 128 26.38 0.46 2.38
CA PHE B 128 25.17 1.21 2.69
C PHE B 128 25.48 2.43 3.54
N ALA B 129 26.75 2.84 3.53
CA ALA B 129 27.20 3.98 4.32
C ALA B 129 26.64 5.26 3.72
N ALA B 130 26.54 6.30 4.54
CA ALA B 130 26.02 7.58 4.08
C ALA B 130 26.89 8.14 2.96
N GLY B 131 26.24 8.69 1.93
CA GLY B 131 26.93 9.04 0.71
C GLY B 131 26.79 7.95 -0.32
N ARG B 132 26.64 6.70 0.14
CA ARG B 132 26.49 5.57 -0.79
C ARG B 132 25.04 5.08 -0.87
N TRP B 133 24.23 5.46 0.11
CA TRP B 133 22.92 4.88 0.29
C TRP B 133 22.00 5.88 0.95
N THR B 134 20.85 6.14 0.32
CA THR B 134 19.91 7.16 0.79
C THR B 134 18.71 6.57 1.53
N THR B 135 18.17 7.33 2.48
CA THR B 135 17.07 6.85 3.30
C THR B 135 15.90 7.80 3.22
N ILE B 136 14.71 7.31 3.55
CA ILE B 136 13.51 8.13 3.58
C ILE B 136 12.87 8.05 4.96
N ASP B 137 12.04 9.03 5.29
CA ASP B 137 11.36 9.03 6.59
C ASP B 137 9.95 8.43 6.52
N GLU B 138 9.20 8.61 7.60
CA GLU B 138 7.85 8.09 7.68
C GLU B 138 6.88 8.72 6.66
N GLN B 139 7.17 9.92 6.19
CA GLN B 139 6.31 10.60 5.22
C GLN B 139 6.72 10.23 3.80
N GLY B 140 7.81 9.47 3.67
CA GLY B 140 8.33 9.12 2.36
C GLY B 140 9.16 10.24 1.76
N ASN B 141 9.78 11.05 2.62
CA ASN B 141 10.67 12.11 2.21
C ASN B 141 12.12 11.80 2.57
N PRO B 142 13.05 12.31 1.79
CA PRO B 142 14.49 12.07 2.01
C PRO B 142 14.95 12.46 3.41
N SER B 143 15.91 11.71 3.94
CA SER B 143 16.25 11.62 5.36
C SER B 143 17.74 11.46 5.62
N GLY B 144 18.56 11.62 4.58
CA GLY B 144 20.00 11.51 4.74
C GLY B 144 20.76 10.65 5.73
N GLY B 145 20.77 9.33 5.53
CA GLY B 145 21.70 8.47 6.24
C GLY B 145 21.20 7.32 7.11
N LEU B 146 21.64 6.12 6.78
CA LEU B 146 21.43 4.96 7.65
C LEU B 146 22.11 5.19 9.00
N LYS B 147 21.42 4.81 10.07
CA LYS B 147 21.94 4.87 11.43
C LYS B 147 21.77 3.50 12.08
N ARG B 148 22.72 3.12 12.92
CA ARG B 148 22.63 1.96 13.79
C ARG B 148 23.23 2.29 15.16
N ASN B 149 22.77 1.60 16.20
CA ASN B 149 23.29 1.78 17.55
C ASN B 149 23.14 0.50 18.35
N PHE B 150 24.02 -0.46 18.10
CA PHE B 150 23.90 -1.79 18.69
C PHE B 150 23.79 -1.74 20.22
N GLY B 151 22.83 -2.48 20.76
CA GLY B 151 22.63 -2.66 22.19
C GLY B 151 22.62 -1.44 23.11
N ALA B 152 22.25 -0.28 22.59
CA ALA B 152 22.36 0.97 23.36
C ALA B 152 21.14 1.23 24.26
N THR B 153 20.26 0.24 24.35
CA THR B 153 18.98 0.42 24.98
C THR B 153 18.87 -0.60 26.12
N LYS B 154 18.32 -0.15 27.26
CA LYS B 154 18.24 -0.99 28.45
C LYS B 154 17.14 -2.03 28.30
N GLU B 155 16.23 -1.78 27.36
CA GLU B 155 15.14 -2.69 27.09
C GLU B 155 15.59 -3.81 26.15
N ALA B 156 16.59 -3.52 25.33
CA ALA B 156 17.12 -4.50 24.38
C ALA B 156 18.65 -4.48 24.28
N PRO B 157 19.36 -4.71 25.40
CA PRO B 157 20.81 -4.59 25.33
C PRO B 157 21.50 -5.77 24.61
N THR B 158 20.79 -6.90 24.49
CA THR B 158 21.39 -8.10 23.90
C THR B 158 20.55 -8.72 22.77
N LEU B 159 21.20 -9.49 21.91
CA LEU B 159 20.48 -10.30 20.94
C LEU B 159 19.85 -11.49 21.65
N PRO B 160 18.73 -12.02 21.10
CA PRO B 160 18.13 -13.24 21.65
C PRO B 160 19.05 -14.46 21.52
N THR B 161 18.88 -15.43 22.42
CA THR B 161 19.73 -16.60 22.47
C THR B 161 19.07 -17.77 21.78
N ARG B 162 19.86 -18.83 21.59
CA ARG B 162 19.38 -20.08 21.02
C ARG B 162 18.36 -20.74 21.94
N ASP B 163 18.55 -20.58 23.25
CA ASP B 163 17.57 -21.04 24.23
C ASP B 163 16.20 -20.35 24.03
N ASP B 164 16.20 -19.04 23.78
CA ASP B 164 14.94 -18.31 23.51
C ASP B 164 14.20 -18.91 22.32
N VAL B 165 14.94 -19.20 21.27
CA VAL B 165 14.36 -19.80 20.08
C VAL B 165 13.84 -21.19 20.36
N LEU B 166 14.67 -22.00 21.01
CA LEU B 166 14.28 -23.35 21.42
C LEU B 166 12.99 -23.32 22.26
N ASN B 167 12.98 -22.40 23.21
CA ASN B 167 11.80 -22.22 24.07
C ASN B 167 10.55 -21.85 23.29
N ALA B 168 10.72 -21.05 22.24
CA ALA B 168 9.58 -20.71 21.38
C ALA B 168 9.09 -21.91 20.58
N LEU B 169 10.02 -22.75 20.16
CA LEU B 169 9.69 -23.89 19.30
C LEU B 169 8.86 -24.96 20.01
N LYS B 170 8.86 -24.92 21.34
CA LYS B 170 8.09 -25.86 22.17
C LYS B 170 6.59 -25.55 22.24
N ILE B 171 6.21 -24.29 22.02
CA ILE B 171 4.81 -23.89 22.06
C ILE B 171 4.01 -24.60 20.98
N THR B 172 2.78 -24.98 21.31
CA THR B 172 1.99 -25.89 20.47
C THR B 172 1.03 -25.19 19.51
N GLN B 173 0.48 -24.07 19.95
CA GLN B 173 -0.50 -23.34 19.14
C GLN B 173 0.17 -22.29 18.26
N TYR B 174 -0.23 -22.21 17.00
CA TYR B 174 0.24 -21.10 16.16
C TYR B 174 -0.11 -19.79 16.83
N ASP B 175 -1.38 -19.61 17.16
CA ASP B 175 -1.86 -18.38 17.79
C ASP B 175 -3.12 -18.64 18.63
N THR B 176 -3.51 -17.65 19.41
CA THR B 176 -4.64 -17.77 20.33
C THR B 176 -5.38 -16.44 20.39
N PRO B 177 -6.69 -16.47 20.59
CA PRO B 177 -7.43 -15.24 20.83
C PRO B 177 -6.79 -14.46 21.96
N PRO B 178 -6.87 -13.14 21.92
CA PRO B 178 -7.60 -12.45 20.88
C PRO B 178 -6.70 -12.04 19.72
N TRP B 179 -5.74 -12.89 19.38
CA TRP B 179 -4.90 -12.70 18.23
C TRP B 179 -4.22 -11.35 18.21
N ASP B 180 -3.51 -11.03 19.28
CA ASP B 180 -2.79 -9.76 19.36
C ASP B 180 -1.56 -9.82 20.28
N MET B 181 -1.09 -8.64 20.69
CA MET B 181 -0.03 -8.51 21.66
C MET B 181 -0.18 -9.44 22.85
N THR B 182 -1.41 -9.56 23.32
CA THR B 182 -1.70 -10.16 24.63
C THR B 182 -1.93 -11.65 24.52
N SER B 183 -1.87 -12.17 23.30
CA SER B 183 -2.02 -13.61 23.07
C SER B 183 -0.99 -14.44 23.83
N GLN B 184 -1.47 -15.44 24.57
CA GLN B 184 -0.62 -16.29 25.40
C GLN B 184 -0.61 -17.69 24.81
N ASN B 185 0.39 -18.48 25.20
CA ASN B 185 0.59 -19.80 24.59
C ASN B 185 0.59 -19.70 23.09
N SER B 186 1.19 -18.64 22.57
CA SER B 186 1.16 -18.36 21.15
C SER B 186 2.56 -18.30 20.56
N PHE B 187 2.85 -19.24 19.66
CA PHE B 187 4.12 -19.27 18.94
C PHE B 187 4.35 -17.93 18.25
N ARG B 188 3.39 -17.54 17.42
CA ARG B 188 3.41 -16.26 16.70
C ARG B 188 3.80 -15.10 17.59
N ASN B 189 3.03 -14.87 18.66
CA ASN B 189 3.31 -13.78 19.59
C ASN B 189 4.67 -13.96 20.29
N GLN B 190 5.00 -15.19 20.63
CA GLN B 190 6.31 -15.44 21.23
C GLN B 190 7.44 -15.07 20.29
N LEU B 191 7.33 -15.52 19.03
CA LEU B 191 8.32 -15.21 18.00
C LEU B 191 8.37 -13.72 17.66
N GLU B 192 7.22 -13.10 17.46
CA GLU B 192 7.18 -11.66 17.17
C GLU B 192 7.92 -10.96 18.31
N GLY B 193 7.58 -11.35 19.54
CA GLY B 193 8.39 -10.97 20.68
C GLY B 193 7.69 -10.16 21.74
N PHE B 194 6.37 -10.31 21.85
CA PHE B 194 5.60 -9.51 22.80
C PHE B 194 5.47 -10.15 24.21
N ILE B 195 5.57 -11.48 24.31
CA ILE B 195 5.51 -12.13 25.62
C ILE B 195 6.70 -11.69 26.48
N ASN B 196 6.44 -10.92 27.53
CA ASN B 196 7.51 -10.37 28.37
C ASN B 196 8.58 -9.68 27.54
N GLY B 197 8.13 -8.94 26.52
CA GLY B 197 9.02 -8.37 25.52
C GLY B 197 9.86 -7.21 26.02
N PRO B 198 10.74 -6.70 25.18
CA PRO B 198 10.91 -7.22 23.82
C PRO B 198 11.82 -8.45 23.75
N GLN B 199 11.31 -9.51 23.11
CA GLN B 199 12.05 -10.75 22.89
C GLN B 199 12.16 -11.05 21.39
N LEU B 200 13.10 -11.92 21.04
CA LEU B 200 13.19 -12.47 19.69
C LEU B 200 13.05 -11.35 18.64
N HIS B 201 12.16 -11.55 17.68
CA HIS B 201 12.02 -10.57 16.59
C HIS B 201 12.05 -9.10 17.00
N ASN B 202 11.09 -8.72 17.87
CA ASN B 202 11.08 -7.36 18.42
C ASN B 202 12.42 -6.96 19.02
N ARG B 203 13.04 -7.87 19.77
CA ARG B 203 14.32 -7.57 20.40
C ARG B 203 15.42 -7.26 19.40
N VAL B 204 15.44 -8.00 18.30
CA VAL B 204 16.47 -7.75 17.29
C VAL B 204 16.32 -6.35 16.71
N HIS B 205 15.09 -5.99 16.30
CA HIS B 205 14.79 -4.66 15.79
C HIS B 205 15.39 -3.58 16.71
N ARG B 206 15.13 -3.66 18.01
CA ARG B 206 15.63 -2.60 18.91
C ARG B 206 17.10 -2.74 19.26
N TRP B 207 17.64 -3.96 19.22
CA TRP B 207 19.07 -4.11 19.39
C TRP B 207 19.83 -3.35 18.30
N VAL B 208 19.39 -3.48 17.04
CA VAL B 208 20.06 -2.80 15.95
C VAL B 208 19.96 -1.28 16.10
N GLY B 209 18.75 -0.82 16.40
CA GLY B 209 18.54 0.61 16.58
C GLY B 209 18.57 1.33 15.26
N GLY B 210 18.72 2.66 15.32
CA GLY B 210 18.67 3.48 14.12
C GLY B 210 17.30 3.32 13.49
N GLN B 211 17.24 3.32 12.16
CA GLN B 211 15.95 3.17 11.48
C GLN B 211 15.29 1.82 11.76
N MET B 212 16.08 0.82 12.10
CA MET B 212 15.57 -0.53 12.36
C MET B 212 14.73 -0.64 13.62
N GLY B 213 14.86 0.34 14.50
CA GLY B 213 14.19 0.32 15.78
C GLY B 213 12.72 0.71 15.74
N VAL B 214 12.29 1.31 14.64
CA VAL B 214 10.89 1.72 14.52
C VAL B 214 10.22 1.24 13.21
N VAL B 215 9.00 0.73 13.35
CA VAL B 215 8.27 0.10 12.25
C VAL B 215 8.29 0.88 10.92
N PRO B 216 7.87 2.16 10.90
CA PRO B 216 7.80 2.80 9.58
C PRO B 216 9.14 2.95 8.82
N THR B 217 10.28 2.95 9.50
CA THR B 217 11.55 3.16 8.79
C THR B 217 12.44 1.93 8.69
N ALA B 218 12.02 0.85 9.34
CA ALA B 218 12.84 -0.35 9.52
C ALA B 218 13.47 -0.97 8.24
N PRO B 219 12.72 -1.06 7.13
CA PRO B 219 13.38 -1.63 5.96
C PRO B 219 14.30 -0.66 5.21
N ASN B 220 14.55 0.55 5.74
CA ASN B 220 15.63 1.39 5.18
C ASN B 220 16.99 0.69 5.29
N ASP B 221 17.12 -0.19 6.27
CA ASP B 221 18.34 -0.94 6.54
C ASP B 221 18.16 -2.30 5.90
N PRO B 222 19.01 -2.63 4.92
CA PRO B 222 18.96 -3.93 4.24
C PRO B 222 19.02 -5.11 5.21
N VAL B 223 19.58 -4.92 6.41
CA VAL B 223 19.64 -6.03 7.37
C VAL B 223 18.23 -6.50 7.80
N PHE B 224 17.23 -5.62 7.69
CA PHE B 224 15.82 -5.96 7.90
C PHE B 224 15.48 -7.27 7.24
N PHE B 225 15.80 -7.40 5.95
CA PHE B 225 15.53 -8.61 5.18
C PHE B 225 16.29 -9.83 5.71
N LEU B 226 17.57 -9.64 6.04
CA LEU B 226 18.37 -10.70 6.64
C LEU B 226 17.82 -11.15 8.00
N HIS B 227 17.35 -10.19 8.81
CA HIS B 227 16.68 -10.50 10.05
C HIS B 227 15.45 -11.34 9.74
N HIS B 228 14.63 -10.87 8.81
CA HIS B 228 13.34 -11.52 8.60
C HIS B 228 13.43 -12.87 7.91
N ALA B 229 14.50 -13.08 7.16
CA ALA B 229 14.80 -14.43 6.66
C ALA B 229 14.99 -15.41 7.82
N ASN B 230 15.74 -15.00 8.84
CA ASN B 230 15.91 -15.85 10.02
C ASN B 230 14.58 -16.12 10.71
N VAL B 231 13.73 -15.10 10.81
CA VAL B 231 12.44 -15.26 11.47
C VAL B 231 11.62 -16.27 10.69
N ASP B 232 11.60 -16.10 9.36
CA ASP B 232 10.89 -17.02 8.49
C ASP B 232 11.45 -18.44 8.56
N ARG B 233 12.76 -18.56 8.72
CA ARG B 233 13.39 -19.87 8.94
C ARG B 233 12.86 -20.53 10.22
N ILE B 234 12.82 -19.77 11.32
CA ILE B 234 12.31 -20.29 12.59
C ILE B 234 10.88 -20.82 12.43
N TRP B 235 10.05 -20.04 11.74
CA TRP B 235 8.66 -20.41 11.55
C TRP B 235 8.58 -21.70 10.74
N ALA B 236 9.39 -21.77 9.68
CA ALA B 236 9.45 -22.98 8.85
C ALA B 236 9.84 -24.23 9.65
N VAL B 237 10.85 -24.10 10.49
CA VAL B 237 11.24 -25.20 11.36
C VAL B 237 10.09 -25.58 12.30
N TRP B 238 9.38 -24.56 12.79
CA TRP B 238 8.26 -24.82 13.67
C TRP B 238 7.18 -25.59 12.90
N GLN B 239 7.03 -25.27 11.63
CA GLN B 239 6.02 -25.94 10.80
C GLN B 239 6.42 -27.40 10.54
N ILE B 240 7.73 -27.63 10.42
CA ILE B 240 8.26 -28.97 10.20
C ILE B 240 8.01 -29.84 11.42
N ILE B 241 8.38 -29.31 12.60
CA ILE B 241 8.19 -29.98 13.89
C ILE B 241 6.73 -30.31 14.20
N HIS B 242 5.90 -29.27 14.31
CA HIS B 242 4.48 -29.43 14.63
C HIS B 242 3.67 -29.61 13.35
N ARG B 243 3.91 -30.71 12.64
CA ARG B 243 3.34 -30.92 11.31
C ARG B 243 1.82 -30.83 11.24
N ASN B 244 1.16 -31.29 12.29
CA ASN B 244 -0.30 -31.29 12.31
C ASN B 244 -0.85 -29.88 12.52
N GLN B 245 -0.16 -29.11 13.34
CA GLN B 245 -0.66 -27.81 13.80
C GLN B 245 -0.68 -26.75 12.69
N ASN B 246 -1.85 -26.18 12.45
CA ASN B 246 -1.97 -25.20 11.37
C ASN B 246 -2.22 -23.76 11.85
N TYR B 247 -2.44 -22.88 10.88
CA TYR B 247 -2.63 -21.46 11.12
C TYR B 247 -3.93 -21.16 11.85
N GLN B 248 -3.87 -20.21 12.77
CA GLN B 248 -5.06 -19.68 13.42
C GLN B 248 -5.00 -18.16 13.53
N PRO B 249 -6.15 -17.48 13.42
CA PRO B 249 -7.53 -17.99 13.25
C PRO B 249 -7.82 -18.52 11.84
N MET B 250 -8.44 -19.68 11.76
CA MET B 250 -8.92 -20.21 10.49
C MET B 250 -10.16 -19.42 10.03
N LYS B 251 -10.89 -18.89 11.00
CA LYS B 251 -12.09 -18.10 10.70
C LYS B 251 -12.46 -17.28 11.94
N ASN B 252 -13.37 -16.32 11.74
CA ASN B 252 -13.97 -15.55 12.84
C ASN B 252 -13.04 -14.59 13.59
N GLY B 253 -11.82 -14.44 13.10
CA GLY B 253 -10.95 -13.40 13.61
C GLY B 253 -11.18 -12.12 12.82
N PRO B 254 -10.41 -11.07 13.14
CA PRO B 254 -10.50 -9.80 12.39
C PRO B 254 -10.18 -10.03 10.92
N PHE B 255 -10.86 -9.34 10.02
CA PHE B 255 -10.61 -9.46 8.59
C PHE B 255 -9.17 -9.06 8.27
N GLY B 256 -8.48 -9.92 7.51
CA GLY B 256 -7.08 -9.72 7.20
C GLY B 256 -6.20 -10.66 8.00
N GLN B 257 -6.78 -11.27 9.03
CA GLN B 257 -6.06 -12.16 9.95
C GLN B 257 -6.42 -13.65 9.77
N ASN B 258 -7.51 -13.93 9.07
CA ASN B 258 -7.96 -15.31 8.91
C ASN B 258 -7.22 -16.05 7.81
N PHE B 259 -7.39 -17.37 7.75
CA PHE B 259 -6.64 -18.23 6.84
C PHE B 259 -6.72 -17.82 5.38
N ARG B 260 -7.91 -17.44 4.94
CA ARG B 260 -8.12 -17.10 3.53
C ARG B 260 -8.44 -15.63 3.31
N ASP B 261 -7.95 -14.76 4.17
CA ASP B 261 -8.17 -13.33 4.02
C ASP B 261 -7.05 -12.70 3.20
N PRO B 262 -7.39 -11.69 2.39
CA PRO B 262 -6.36 -10.87 1.73
C PRO B 262 -5.48 -10.21 2.80
N MET B 263 -4.18 -10.20 2.58
CA MET B 263 -3.27 -9.46 3.45
C MET B 263 -2.85 -8.14 2.81
N TYR B 264 -3.50 -7.03 3.20
CA TYR B 264 -3.11 -5.69 2.77
C TYR B 264 -1.60 -5.55 2.95
N PRO B 265 -0.90 -5.01 1.95
CA PRO B 265 -1.43 -4.33 0.76
C PRO B 265 -1.65 -5.23 -0.46
N TRP B 266 -1.60 -6.55 -0.31
CA TRP B 266 -1.73 -7.46 -1.44
C TRP B 266 -3.07 -8.16 -1.44
N ASN B 267 -3.26 -9.07 -2.40
CA ASN B 267 -4.39 -9.98 -2.39
C ASN B 267 -4.01 -11.35 -1.83
N THR B 268 -2.72 -11.54 -1.55
CA THR B 268 -2.20 -12.80 -1.04
C THR B 268 -2.81 -13.14 0.33
N THR B 269 -3.19 -14.40 0.53
CA THR B 269 -3.74 -14.85 1.81
C THR B 269 -2.71 -15.70 2.57
N PRO B 270 -2.86 -15.85 3.90
CA PRO B 270 -1.90 -16.69 4.63
C PRO B 270 -1.83 -18.11 4.05
N GLU B 271 -2.96 -18.63 3.57
CA GLU B 271 -2.99 -19.94 2.93
C GLU B 271 -2.01 -20.00 1.76
N ASP B 272 -1.95 -18.94 0.97
CA ASP B 272 -1.09 -18.92 -0.22
C ASP B 272 0.39 -19.13 0.11
N VAL B 273 0.81 -18.82 1.34
CA VAL B 273 2.22 -18.93 1.70
C VAL B 273 2.46 -19.83 2.92
N MET B 274 1.45 -20.61 3.28
CA MET B 274 1.53 -21.45 4.48
C MET B 274 2.66 -22.49 4.41
N ASN B 275 2.87 -23.04 3.22
CA ASN B 275 3.93 -24.04 3.02
C ASN B 275 5.04 -23.48 2.12
N HIS B 276 6.18 -23.16 2.73
CA HIS B 276 7.22 -22.39 2.07
C HIS B 276 7.85 -23.11 0.89
N ARG B 277 7.98 -24.42 0.98
CA ARG B 277 8.64 -25.19 -0.06
C ARG B 277 7.84 -25.08 -1.34
N LYS B 278 6.53 -24.86 -1.21
CA LYS B 278 5.67 -24.69 -2.37
C LYS B 278 5.95 -23.37 -3.07
N LEU B 279 6.66 -22.48 -2.39
CA LEU B 279 6.97 -21.15 -2.92
C LEU B 279 8.27 -21.11 -3.69
N GLY B 280 8.94 -22.26 -3.76
CA GLY B 280 10.17 -22.37 -4.52
C GLY B 280 11.46 -22.42 -3.70
N TYR B 281 11.37 -22.33 -2.38
CA TYR B 281 12.60 -22.30 -1.58
C TYR B 281 12.64 -23.21 -0.35
N VAL B 282 13.86 -23.51 0.08
CA VAL B 282 14.11 -24.13 1.37
C VAL B 282 15.32 -23.42 1.98
N TYR B 283 15.49 -23.52 3.30
CA TYR B 283 16.69 -22.96 3.89
C TYR B 283 17.76 -24.04 3.90
N ASP B 284 19.02 -23.66 3.81
CA ASP B 284 20.11 -24.63 3.68
C ASP B 284 20.00 -25.77 4.68
N ILE B 285 19.76 -25.41 5.94
CA ILE B 285 19.67 -26.37 7.03
C ILE B 285 18.55 -27.35 6.76
N GLU B 286 17.67 -27.14 5.82
CA GLU B 286 16.74 -28.21 5.53
C GLU B 286 17.45 -29.29 4.73
ZN ZN C . -9.46 12.08 -7.27
ZN ZN D . -6.93 11.11 -5.05
N TYR E . -5.13 18.09 -4.54
CA TYR E . -6.33 18.54 -5.24
C TYR E . -6.26 20.06 -5.39
O TYR E . -7.10 20.72 -6.02
CB TYR E . -7.59 18.10 -4.49
CG TYR E . -7.71 16.59 -4.37
CD1 TYR E . -7.19 15.76 -5.35
CD2 TYR E . -8.32 16.00 -3.26
CE1 TYR E . -7.29 14.38 -5.25
CE2 TYR E . -8.41 14.60 -3.16
CZ TYR E . -7.89 13.81 -4.17
OH TYR E . -7.94 12.44 -4.14
OXT TYR E . -5.30 20.64 -4.89
ZN ZN F . 7.95 -4.73 10.56
ZN ZN G . 10.28 -6.96 11.74
N TYR H . 7.39 -2.39 17.56
CA TYR H . 8.26 -3.45 18.06
C TYR H . 8.38 -3.32 19.58
O TYR H . 9.25 -3.85 20.26
CB TYR H . 9.63 -3.39 17.37
CG TYR H . 9.55 -3.45 15.85
CD1 TYR H . 8.81 -4.45 15.22
CD2 TYR H . 10.19 -2.51 15.04
CE1 TYR H . 8.71 -4.53 13.83
CE2 TYR H . 10.10 -2.58 13.63
CZ TYR H . 9.35 -3.59 13.04
OH TYR H . 9.21 -3.69 11.65
OXT TYR H . 7.55 -2.64 20.18
#